data_3PEH
#
_entry.id   3PEH
#
_cell.length_a   91.927
_cell.length_b   91.927
_cell.length_c   162.884
_cell.angle_alpha   90.000
_cell.angle_beta   90.000
_cell.angle_gamma   90.000
#
_symmetry.space_group_name_H-M   'P 42 21 2'
#
loop_
_entity.id
_entity.type
_entity.pdbx_description
1 polymer 'Endoplasmin homolog'
2 non-polymer 2-amino-4-{2,4-dichloro-5-[2-(diethylamino)ethoxy]phenyl}-N-ethylthieno[2,3-d]pyrimidine-6-carboxamide
3 non-polymer 'SULFATE ION'
#
_entity_poly.entity_id   1
_entity_poly.type   'polypeptide(L)'
_entity_poly.pdbx_seq_one_letter_code
;MHHHHHHSSGRENLYFQGPTESMESHQYQTEVTRLMDIIVNSLYTQKEVFLRELISNAADALEKIRFLSLSDESVLGEEK
KLEIRISANKEKNILSITDTGIGMTKVDLINNLGTIAKSGTSNFLEAISKSGGDMSLIGQFGVGFYSAFLVADKVIVYTK
NNDDEQYIWESTADAKFTIYKDPRGATLKRGTRISLHLKEDATNLLNDKKLMDLISKYSQFIQFPIYLLHENVYTEEVLA
DIAKDMVNDPNYDSVKVEETDDPNKKTRTVEKKVKKWTLMN
;
_entity_poly.pdbx_strand_id   A,B
#
loop_
_chem_comp.id
_chem_comp.type
_chem_comp.name
_chem_comp.formula
IBD non-polymer 2-amino-4-{2,4-dichloro-5-[2-(diethylamino)ethoxy]phenyl}-N-ethylthieno[2,3-d]pyrimidine-6-carboxamide 'C21 H25 Cl2 N5 O2 S'
SO4 non-polymer 'SULFATE ION' 'O4 S -2'
#
# COMPACT_ATOMS: atom_id res chain seq x y z
N GLU A 21 24.45 -4.75 1.02
CA GLU A 21 25.76 -4.70 1.64
C GLU A 21 25.93 -3.50 2.60
N SER A 22 26.31 -3.76 3.88
CA SER A 22 26.53 -2.75 4.94
C SER A 22 27.45 -1.61 4.47
N MET A 23 27.14 -0.36 4.83
CA MET A 23 27.91 0.82 4.40
C MET A 23 28.49 1.65 5.57
N GLU A 24 28.47 1.08 6.79
CA GLU A 24 28.97 1.80 7.98
C GLU A 24 30.50 1.83 8.06
N SER A 25 31.03 2.90 8.64
CA SER A 25 32.45 3.02 8.93
C SER A 25 32.69 2.34 10.29
N HIS A 26 33.93 1.95 10.60
CA HIS A 26 34.24 1.36 11.91
C HIS A 26 33.97 2.41 13.03
N GLN A 27 34.16 3.72 12.72
CA GLN A 27 33.91 4.85 13.61
C GLN A 27 32.40 4.96 13.90
N TYR A 28 31.53 4.82 12.85
CA TYR A 28 30.08 4.83 13.00
C TYR A 28 29.69 3.63 13.87
N GLN A 29 30.18 2.44 13.53
CA GLN A 29 29.87 1.20 14.24
C GLN A 29 30.29 1.24 15.70
N THR A 30 31.36 1.98 16.03
CA THR A 30 31.84 2.10 17.40
C THR A 30 30.98 3.10 18.17
N GLU A 31 30.84 4.34 17.65
CA GLU A 31 30.04 5.42 18.24
C GLU A 31 28.57 4.96 18.55
N VAL A 32 27.86 4.43 17.53
CA VAL A 32 26.49 3.96 17.65
C VAL A 32 26.38 2.74 18.60
N THR A 33 27.39 1.85 18.63
CA THR A 33 27.37 0.70 19.57
C THR A 33 27.49 1.20 21.02
N ARG A 34 28.29 2.25 21.24
CA ARG A 34 28.45 2.87 22.54
C ARG A 34 27.13 3.57 22.91
N LEU A 35 26.57 4.39 21.97
CA LEU A 35 25.29 5.08 22.19
C LEU A 35 24.23 4.07 22.63
N MET A 36 24.05 2.99 21.85
CA MET A 36 23.07 1.95 22.12
C MET A 36 23.30 1.30 23.49
N ASP A 37 24.54 0.91 23.82
CA ASP A 37 24.87 0.32 25.12
C ASP A 37 24.47 1.22 26.28
N ILE A 38 24.82 2.52 26.22
CA ILE A 38 24.51 3.51 27.24
C ILE A 38 22.99 3.74 27.33
N ILE A 39 22.34 4.14 26.21
CA ILE A 39 20.90 4.39 26.12
C ILE A 39 20.09 3.19 26.67
N VAL A 40 20.43 1.95 26.25
CA VAL A 40 19.73 0.74 26.68
C VAL A 40 19.85 0.52 28.19
N ASN A 41 21.06 0.50 28.74
CA ASN A 41 21.30 0.28 30.18
C ASN A 41 20.79 1.44 31.05
N SER A 42 20.53 2.63 30.43
CA SER A 42 20.05 3.80 31.16
C SER A 42 18.54 3.96 31.05
N LEU A 43 17.91 3.44 29.97
CA LEU A 43 16.48 3.58 29.76
C LEU A 43 15.74 2.25 29.60
N TYR A 44 16.32 1.11 30.08
CA TYR A 44 15.69 -0.23 30.01
C TYR A 44 14.29 -0.25 30.70
N THR A 45 14.08 0.63 31.68
CA THR A 45 12.84 0.72 32.44
C THR A 45 11.90 1.82 31.92
N GLN A 46 12.38 2.69 31.00
CA GLN A 46 11.56 3.75 30.40
C GLN A 46 11.67 3.62 28.86
N LYS A 47 11.45 2.40 28.34
CA LYS A 47 11.59 2.05 26.92
C LYS A 47 10.73 2.92 26.00
N GLU A 48 9.56 3.32 26.50
CA GLU A 48 8.51 4.10 25.83
C GLU A 48 8.96 5.49 25.32
N VAL A 49 10.03 6.06 25.91
CA VAL A 49 10.53 7.41 25.60
C VAL A 49 11.00 7.58 24.16
N PHE A 50 11.23 6.46 23.42
CA PHE A 50 11.61 6.51 22.00
C PHE A 50 10.57 7.31 21.19
N LEU A 51 9.28 7.20 21.58
CA LEU A 51 8.20 7.86 20.90
C LEU A 51 8.29 9.35 21.08
N ARG A 52 8.66 9.82 22.29
CA ARG A 52 8.87 11.26 22.53
C ARG A 52 9.98 11.78 21.57
N GLU A 53 11.06 11.01 21.39
CA GLU A 53 12.19 11.38 20.53
C GLU A 53 11.84 11.40 19.04
N LEU A 54 11.10 10.41 18.55
CA LEU A 54 10.67 10.37 17.14
C LEU A 54 9.66 11.48 16.81
N ILE A 55 8.71 11.77 17.73
CA ILE A 55 7.73 12.85 17.52
C ILE A 55 8.49 14.18 17.47
N SER A 56 9.51 14.33 18.35
CA SER A 56 10.37 15.50 18.44
C SER A 56 11.13 15.74 17.13
N ASN A 57 11.69 14.67 16.52
CA ASN A 57 12.41 14.73 15.26
C ASN A 57 11.50 15.15 14.14
N ALA A 58 10.28 14.58 14.12
CA ALA A 58 9.23 14.87 13.15
C ALA A 58 8.76 16.32 13.22
N ALA A 59 8.52 16.88 14.43
CA ALA A 59 8.11 18.29 14.57
C ALA A 59 9.19 19.24 14.03
N ASP A 60 10.48 18.92 14.32
CA ASP A 60 11.65 19.68 13.87
C ASP A 60 11.73 19.75 12.35
N ALA A 61 11.52 18.59 11.69
CA ALA A 61 11.49 18.45 10.23
C ALA A 61 10.28 19.20 9.62
N LEU A 62 9.11 19.20 10.31
CA LEU A 62 7.90 19.91 9.86
C LEU A 62 8.08 21.40 10.01
N GLU A 63 8.81 21.83 11.06
CA GLU A 63 9.08 23.25 11.28
C GLU A 63 10.00 23.80 10.18
N LYS A 64 10.98 22.99 9.71
CA LYS A 64 11.92 23.36 8.65
C LYS A 64 11.19 23.65 7.33
N ILE A 65 10.31 22.72 6.89
CA ILE A 65 9.56 22.94 5.65
C ILE A 65 8.50 24.04 5.84
N ARG A 66 7.88 24.15 7.05
CA ARG A 66 6.89 25.20 7.36
C ARG A 66 7.52 26.57 7.26
N PHE A 67 8.75 26.72 7.81
CA PHE A 67 9.49 27.97 7.76
C PHE A 67 9.79 28.41 6.32
N LEU A 68 10.22 27.47 5.45
CA LEU A 68 10.52 27.78 4.05
C LEU A 68 9.26 28.13 3.25
N SER A 69 8.10 27.56 3.63
CA SER A 69 6.81 27.81 2.96
C SER A 69 6.30 29.23 3.15
N LEU A 70 6.84 29.97 4.14
CA LEU A 70 6.46 31.36 4.44
C LEU A 70 6.99 32.33 3.37
N SER A 71 8.19 32.05 2.82
CA SER A 71 8.85 32.85 1.78
C SER A 71 8.46 32.39 0.36
N ASP A 72 8.37 31.05 0.15
CA ASP A 72 8.02 30.40 -1.12
C ASP A 72 7.06 29.25 -0.82
N GLU A 73 5.76 29.47 -1.03
CA GLU A 73 4.71 28.49 -0.78
C GLU A 73 4.83 27.26 -1.69
N SER A 74 5.53 27.37 -2.84
CA SER A 74 5.71 26.27 -3.80
C SER A 74 6.49 25.06 -3.23
N VAL A 75 7.17 25.20 -2.07
CA VAL A 75 7.91 24.10 -1.44
C VAL A 75 6.96 22.95 -1.01
N LEU A 76 5.69 23.29 -0.69
CA LEU A 76 4.63 22.37 -0.30
C LEU A 76 3.89 21.73 -1.50
N GLY A 77 4.44 21.95 -2.70
CA GLY A 77 3.88 21.46 -3.95
C GLY A 77 3.46 20.00 -3.94
N GLU A 78 4.40 19.13 -3.55
CA GLU A 78 4.22 17.69 -3.52
C GLU A 78 3.21 17.19 -2.44
N GLU A 79 2.98 17.96 -1.34
CA GLU A 79 2.10 17.59 -0.23
C GLU A 79 1.77 18.82 0.64
N LYS A 80 0.49 19.26 0.64
CA LYS A 80 0.03 20.42 1.42
C LYS A 80 -0.11 20.10 2.91
N LYS A 81 -0.27 18.81 3.27
CA LYS A 81 -0.40 18.37 4.66
C LYS A 81 0.88 18.65 5.43
N LEU A 82 0.75 19.11 6.68
CA LEU A 82 1.86 19.36 7.61
C LEU A 82 1.41 18.71 8.91
N GLU A 83 1.82 17.43 9.12
CA GLU A 83 1.37 16.61 10.26
C GLU A 83 2.26 15.39 10.56
N ILE A 84 1.94 14.70 11.66
CA ILE A 84 2.55 13.46 12.09
C ILE A 84 1.45 12.38 12.09
N ARG A 85 1.78 11.17 11.61
CA ARG A 85 0.90 10.02 11.52
C ARG A 85 1.55 8.80 12.15
N ILE A 86 0.93 8.26 13.20
CA ILE A 86 1.37 7.06 13.92
C ILE A 86 0.43 5.90 13.55
N SER A 87 0.98 4.76 13.18
CA SER A 87 0.19 3.57 12.84
C SER A 87 0.99 2.31 13.13
N ALA A 88 0.28 1.29 13.60
CA ALA A 88 0.83 -0.01 13.95
C ALA A 88 0.27 -1.06 13.01
N ASN A 89 1.07 -2.08 12.72
CA ASN A 89 0.71 -3.20 11.89
C ASN A 89 0.95 -4.41 12.76
N LYS A 90 -0.12 -4.88 13.42
CA LYS A 90 -0.08 -6.00 14.38
C LYS A 90 0.38 -7.34 13.75
N GLU A 91 0.06 -7.58 12.46
CA GLU A 91 0.46 -8.84 11.81
C GLU A 91 1.97 -8.87 11.54
N LYS A 92 2.53 -7.78 10.98
CA LYS A 92 3.95 -7.67 10.65
C LYS A 92 4.83 -7.23 11.85
N ASN A 93 4.20 -6.85 13.00
CA ASN A 93 4.84 -6.36 14.23
C ASN A 93 5.70 -5.09 13.95
N ILE A 94 5.09 -4.12 13.26
CA ILE A 94 5.76 -2.88 12.88
C ILE A 94 4.97 -1.66 13.38
N LEU A 95 5.71 -0.67 13.93
CA LEU A 95 5.16 0.61 14.35
C LEU A 95 5.79 1.67 13.43
N SER A 96 4.97 2.59 12.90
CA SER A 96 5.47 3.64 12.00
C SER A 96 5.08 5.03 12.45
N ILE A 97 6.05 5.94 12.36
CA ILE A 97 5.89 7.37 12.66
C ILE A 97 6.21 8.01 11.33
N THR A 98 5.24 8.69 10.74
CA THR A 98 5.37 9.31 9.43
C THR A 98 5.12 10.81 9.56
N ASP A 99 5.86 11.60 8.80
CA ASP A 99 5.68 13.04 8.83
C ASP A 99 5.76 13.58 7.41
N THR A 100 5.20 14.76 7.20
CA THR A 100 5.22 15.43 5.90
C THR A 100 6.16 16.62 6.00
N GLY A 101 7.26 16.41 6.74
CA GLY A 101 8.31 17.41 6.95
C GLY A 101 9.25 17.54 5.76
N ILE A 102 10.37 18.25 5.97
CA ILE A 102 11.38 18.50 4.94
C ILE A 102 11.92 17.20 4.26
N GLY A 103 12.10 16.12 5.01
CA GLY A 103 12.67 14.87 4.51
C GLY A 103 14.17 15.00 4.27
N MET A 104 14.80 13.93 3.81
CA MET A 104 16.24 13.93 3.55
C MET A 104 16.62 13.51 2.13
N THR A 105 17.67 14.18 1.59
CA THR A 105 18.30 13.79 0.33
C THR A 105 19.34 12.76 0.79
N LYS A 106 19.96 12.01 -0.15
CA LYS A 106 21.03 11.07 0.20
C LYS A 106 22.17 11.84 0.89
N VAL A 107 22.45 13.08 0.41
CA VAL A 107 23.49 13.98 0.93
C VAL A 107 23.20 14.31 2.39
N ASP A 108 21.95 14.77 2.70
CA ASP A 108 21.52 15.09 4.07
C ASP A 108 21.64 13.86 4.97
N LEU A 109 21.27 12.68 4.48
CA LEU A 109 21.35 11.45 5.24
C LEU A 109 22.79 11.04 5.58
N ILE A 110 23.71 11.04 4.59
CA ILE A 110 25.11 10.66 4.83
C ILE A 110 25.82 11.76 5.69
N ASN A 111 25.40 13.02 5.59
CA ASN A 111 25.96 14.08 6.41
C ASN A 111 25.59 13.83 7.86
N ASN A 112 24.27 13.55 8.09
CA ASN A 112 23.70 13.22 9.38
C ASN A 112 24.39 12.02 10.01
N LEU A 113 24.66 10.99 9.22
CA LEU A 113 25.37 9.78 9.71
C LEU A 113 26.82 10.10 10.06
N GLY A 114 27.48 10.93 9.24
CA GLY A 114 28.84 11.39 9.47
C GLY A 114 28.94 12.25 10.71
N THR A 115 27.91 13.08 10.96
CA THR A 115 27.81 13.94 12.15
C THR A 115 27.76 13.05 13.39
N ILE A 116 26.91 12.01 13.38
CA ILE A 116 26.78 11.07 14.49
C ILE A 116 28.13 10.37 14.76
N ALA A 117 28.81 9.89 13.70
CA ALA A 117 30.10 9.20 13.78
C ALA A 117 31.25 10.08 14.29
N LYS A 118 31.38 11.31 13.76
CA LYS A 118 32.47 12.22 14.10
C LYS A 118 32.32 12.81 15.52
N SER A 119 31.07 13.07 15.97
CA SER A 119 30.84 13.63 17.32
C SER A 119 31.18 12.60 18.41
N GLY A 120 31.46 13.08 19.60
CA GLY A 120 31.75 12.15 20.68
C GLY A 120 30.64 12.12 21.69
N THR A 121 29.37 12.08 21.20
CA THR A 121 28.16 12.09 22.03
C THR A 121 28.20 10.97 23.07
N SER A 122 28.74 9.79 22.69
CA SER A 122 28.90 8.67 23.63
C SER A 122 29.78 9.08 24.85
N ASN A 123 30.75 10.00 24.64
CA ASN A 123 31.60 10.48 25.73
C ASN A 123 30.76 11.29 26.71
N PHE A 124 29.89 12.17 26.18
CA PHE A 124 28.94 12.95 26.98
C PHE A 124 27.96 12.07 27.75
N LEU A 125 27.35 11.07 27.08
CA LEU A 125 26.38 10.15 27.70
C LEU A 125 27.03 9.22 28.71
N GLU A 126 28.25 8.70 28.41
CA GLU A 126 29.01 7.86 29.34
C GLU A 126 29.26 8.68 30.62
N ALA A 127 29.65 9.96 30.46
CA ALA A 127 29.90 10.89 31.56
C ALA A 127 28.63 11.14 32.37
N ILE A 128 27.48 11.36 31.68
CA ILE A 128 26.20 11.59 32.33
C ILE A 128 25.81 10.36 33.15
N SER A 129 25.95 9.15 32.57
CA SER A 129 25.60 7.90 33.25
C SER A 129 26.52 7.60 34.42
N LYS A 130 27.85 7.79 34.26
CA LYS A 130 28.82 7.59 35.34
C LYS A 130 28.52 8.52 36.54
N SER A 131 28.01 9.72 36.27
CA SER A 131 27.66 10.74 37.28
C SER A 131 26.27 10.52 37.91
N GLY A 132 25.52 9.53 37.43
CA GLY A 132 24.17 9.26 37.92
C GLY A 132 23.12 10.21 37.37
N GLY A 133 23.35 10.76 36.18
CA GLY A 133 22.41 11.64 35.50
C GLY A 133 21.44 10.87 34.62
N ASP A 134 20.43 11.57 34.06
CA ASP A 134 19.41 10.96 33.20
C ASP A 134 19.69 11.08 31.68
N MET A 135 18.92 10.39 30.84
CA MET A 135 19.12 10.50 29.39
C MET A 135 18.23 11.60 28.74
N SER A 136 17.75 12.55 29.54
CA SER A 136 16.91 13.66 29.08
C SER A 136 17.57 14.59 28.04
N LEU A 137 18.87 14.41 27.74
CA LEU A 137 19.54 15.28 26.77
C LEU A 137 19.76 14.63 25.41
N ILE A 138 19.48 13.30 25.29
CA ILE A 138 19.69 12.55 24.04
C ILE A 138 19.10 13.30 22.83
N GLY A 139 17.94 13.94 23.03
CA GLY A 139 17.30 14.77 22.02
C GLY A 139 18.08 16.02 21.67
N GLN A 140 18.56 16.74 22.71
CA GLN A 140 19.38 17.95 22.53
C GLN A 140 20.73 17.62 21.87
N PHE A 141 21.26 16.42 22.14
CA PHE A 141 22.52 15.96 21.55
C PHE A 141 22.32 15.42 20.11
N GLY A 142 21.08 15.43 19.62
CA GLY A 142 20.76 14.97 18.27
C GLY A 142 20.94 13.49 18.02
N VAL A 143 20.85 12.67 19.10
CA VAL A 143 20.98 11.20 19.04
C VAL A 143 19.72 10.48 19.55
N GLY A 144 18.61 11.21 19.72
CA GLY A 144 17.33 10.68 20.16
C GLY A 144 16.76 9.56 19.29
N PHE A 145 17.12 9.53 18.00
CA PHE A 145 16.71 8.51 17.07
C PHE A 145 17.13 7.09 17.52
N TYR A 146 18.31 6.94 18.14
CA TYR A 146 18.83 5.61 18.51
C TYR A 146 18.11 4.95 19.68
N SER A 147 17.20 5.70 20.34
CA SER A 147 16.34 5.21 21.42
C SER A 147 15.32 4.21 20.86
N ALA A 148 15.07 4.25 19.53
CA ALA A 148 14.17 3.32 18.82
C ALA A 148 14.66 1.88 19.04
N PHE A 149 15.99 1.67 19.19
CA PHE A 149 16.63 0.37 19.43
C PHE A 149 16.39 -0.17 20.85
N LEU A 150 15.65 0.60 21.69
CA LEU A 150 15.22 0.16 23.03
C LEU A 150 14.08 -0.85 22.85
N VAL A 151 13.27 -0.68 21.77
CA VAL A 151 12.08 -1.47 21.46
C VAL A 151 12.18 -2.28 20.13
N ALA A 152 13.11 -1.90 19.24
CA ALA A 152 13.27 -2.55 17.93
C ALA A 152 14.69 -3.04 17.68
N ASP A 153 14.82 -4.17 16.96
CA ASP A 153 16.12 -4.72 16.57
C ASP A 153 16.48 -4.33 15.12
N LYS A 154 15.53 -3.71 14.39
CA LYS A 154 15.67 -3.23 13.02
C LYS A 154 14.78 -2.01 12.82
N VAL A 155 15.31 -0.94 12.23
CA VAL A 155 14.60 0.31 11.97
C VAL A 155 14.77 0.62 10.49
N ILE A 156 13.66 0.78 9.76
CA ILE A 156 13.74 1.08 8.32
C ILE A 156 13.19 2.48 8.13
N VAL A 157 14.03 3.37 7.65
CA VAL A 157 13.67 4.77 7.42
C VAL A 157 13.49 5.03 5.90
N TYR A 158 12.32 5.56 5.52
CA TYR A 158 11.98 5.93 4.13
C TYR A 158 11.89 7.44 4.17
N THR A 159 12.59 8.13 3.25
CA THR A 159 12.62 9.60 3.24
C THR A 159 12.63 10.20 1.83
N LYS A 160 11.97 11.36 1.68
CA LYS A 160 11.84 12.06 0.42
C LYS A 160 11.88 13.57 0.65
N ASN A 161 12.84 14.23 -0.01
CA ASN A 161 13.05 15.68 0.05
C ASN A 161 12.87 16.17 -1.39
N ASN A 162 12.29 17.37 -1.57
CA ASN A 162 12.01 17.94 -2.88
C ASN A 162 13.18 17.90 -3.89
N ASP A 163 14.43 18.05 -3.41
CA ASP A 163 15.66 18.09 -4.20
C ASP A 163 16.24 16.70 -4.56
N ASP A 164 15.63 15.60 -4.11
CA ASP A 164 16.17 14.27 -4.43
C ASP A 164 15.04 13.26 -4.54
N GLU A 165 15.40 12.01 -4.87
CA GLU A 165 14.50 10.86 -4.94
C GLU A 165 14.25 10.31 -3.52
N GLN A 166 13.37 9.31 -3.42
CA GLN A 166 13.04 8.64 -2.17
C GLN A 166 14.08 7.56 -1.87
N TYR A 167 14.67 7.63 -0.66
CA TYR A 167 15.69 6.67 -0.23
C TYR A 167 15.25 5.88 0.98
N ILE A 168 15.85 4.70 1.13
CA ILE A 168 15.61 3.78 2.25
C ILE A 168 16.92 3.63 3.05
N TRP A 169 16.86 3.81 4.38
CA TRP A 169 18.00 3.66 5.27
C TRP A 169 17.58 2.61 6.27
N GLU A 170 18.23 1.47 6.21
CA GLU A 170 17.91 0.27 6.97
C GLU A 170 19.01 0.00 7.99
N SER A 171 18.72 0.17 9.28
CA SER A 171 19.70 0.02 10.38
C SER A 171 19.34 -1.11 11.34
N THR A 172 20.36 -1.77 11.90
CA THR A 172 20.19 -2.87 12.85
C THR A 172 20.89 -2.58 14.20
N ALA A 173 20.52 -3.35 15.25
CA ALA A 173 21.03 -3.21 16.61
C ALA A 173 22.55 -3.42 16.74
N ASP A 174 23.19 -4.07 15.75
CA ASP A 174 24.64 -4.31 15.70
C ASP A 174 25.44 -3.10 15.13
N ALA A 175 24.75 -1.96 14.95
CA ALA A 175 25.22 -0.66 14.42
C ALA A 175 25.66 -0.73 12.94
N LYS A 176 25.00 -1.62 12.17
CA LYS A 176 25.22 -1.78 10.73
C LYS A 176 24.02 -1.20 9.99
N PHE A 177 24.27 -0.50 8.86
CA PHE A 177 23.24 0.10 8.02
C PHE A 177 23.51 -0.05 6.52
N THR A 178 22.46 0.20 5.73
CA THR A 178 22.50 0.16 4.27
C THR A 178 21.55 1.24 3.73
N ILE A 179 21.94 1.92 2.64
CA ILE A 179 21.17 2.98 1.99
C ILE A 179 20.98 2.62 0.52
N TYR A 180 19.75 2.73 0.01
CA TYR A 180 19.41 2.47 -1.40
C TYR A 180 18.16 3.24 -1.81
N LYS A 181 17.98 3.48 -3.12
CA LYS A 181 16.80 4.15 -3.67
C LYS A 181 15.59 3.25 -3.43
N ASP A 182 14.43 3.86 -3.16
CA ASP A 182 13.19 3.12 -2.96
C ASP A 182 12.72 2.55 -4.31
N PRO A 183 12.61 1.19 -4.43
CA PRO A 183 12.10 0.61 -5.69
C PRO A 183 10.72 1.11 -6.10
N ARG A 184 9.85 1.44 -5.11
CA ARG A 184 8.46 1.90 -5.29
C ARG A 184 8.33 3.41 -5.60
N GLY A 185 9.46 4.12 -5.76
CA GLY A 185 9.47 5.56 -6.03
C GLY A 185 9.11 6.45 -4.85
N ALA A 186 8.59 7.66 -5.13
CA ALA A 186 8.23 8.69 -4.16
C ALA A 186 6.83 8.48 -3.54
N THR A 187 6.62 7.31 -2.90
CA THR A 187 5.38 6.96 -2.21
C THR A 187 5.05 7.94 -1.09
N LEU A 188 6.06 8.67 -0.55
CA LEU A 188 5.88 9.63 0.55
C LEU A 188 5.56 11.04 0.09
N LYS A 189 5.75 11.37 -1.22
CA LYS A 189 5.52 12.71 -1.81
C LYS A 189 6.54 13.74 -1.25
N ARG A 190 6.61 13.87 0.10
CA ARG A 190 7.54 14.69 0.89
C ARG A 190 7.42 14.29 2.34
N GLY A 191 8.56 14.04 2.99
CA GLY A 191 8.60 13.70 4.40
C GLY A 191 9.37 12.43 4.69
N THR A 192 9.19 11.89 5.92
CA THR A 192 9.92 10.73 6.42
C THR A 192 9.04 9.76 7.20
N ARG A 193 9.29 8.45 7.03
CA ARG A 193 8.58 7.38 7.71
C ARG A 193 9.61 6.54 8.45
N ILE A 194 9.43 6.37 9.76
CA ILE A 194 10.34 5.59 10.59
C ILE A 194 9.57 4.32 10.91
N SER A 195 9.99 3.20 10.34
CA SER A 195 9.32 1.92 10.60
C SER A 195 10.15 1.07 11.53
N LEU A 196 9.61 0.85 12.73
CA LEU A 196 10.28 0.06 13.75
C LEU A 196 9.74 -1.36 13.70
N HIS A 197 10.64 -2.30 13.46
CA HIS A 197 10.39 -3.74 13.46
C HIS A 197 10.62 -4.15 14.90
N LEU A 198 9.56 -4.11 15.71
CA LEU A 198 9.60 -4.35 17.15
C LEU A 198 10.11 -5.70 17.55
N LYS A 199 10.71 -5.74 18.74
CA LYS A 199 11.22 -6.93 19.41
C LYS A 199 9.98 -7.70 19.95
N GLU A 200 10.11 -9.02 20.19
CA GLU A 200 9.01 -9.82 20.74
C GLU A 200 8.49 -9.24 22.08
N ASP A 201 9.41 -8.63 22.86
CA ASP A 201 9.16 -7.97 24.15
C ASP A 201 8.42 -6.62 24.10
N ALA A 202 8.15 -6.07 22.90
CA ALA A 202 7.55 -4.74 22.72
C ALA A 202 6.15 -4.75 22.06
N THR A 203 5.43 -5.91 22.11
CA THR A 203 4.07 -6.13 21.55
C THR A 203 3.02 -5.09 21.99
N ASN A 204 3.09 -4.63 23.28
CA ASN A 204 2.20 -3.65 23.92
C ASN A 204 2.13 -2.30 23.18
N LEU A 205 3.13 -2.01 22.34
CA LEU A 205 3.22 -0.76 21.59
C LEU A 205 2.39 -0.76 20.33
N LEU A 206 1.77 -1.90 19.99
CA LEU A 206 0.89 -2.00 18.84
C LEU A 206 -0.56 -1.71 19.25
N ASN A 207 -0.84 -1.69 20.57
CA ASN A 207 -2.18 -1.46 21.11
C ASN A 207 -2.59 0.00 21.15
N ASP A 208 -3.84 0.26 20.73
CA ASP A 208 -4.49 1.56 20.68
C ASP A 208 -4.43 2.28 22.04
N LYS A 209 -4.77 1.56 23.15
CA LYS A 209 -4.78 2.15 24.48
C LYS A 209 -3.42 2.70 24.89
N LYS A 210 -2.32 1.90 24.69
CA LYS A 210 -0.95 2.32 24.98
C LYS A 210 -0.54 3.52 24.11
N LEU A 211 -0.72 3.41 22.77
CA LEU A 211 -0.36 4.49 21.87
C LEU A 211 -1.07 5.79 22.20
N MET A 212 -2.37 5.75 22.53
CA MET A 212 -3.14 6.94 22.88
C MET A 212 -2.59 7.61 24.13
N ASP A 213 -2.27 6.79 25.14
CA ASP A 213 -1.67 7.25 26.38
C ASP A 213 -0.32 7.97 26.07
N LEU A 214 0.62 7.26 25.40
CA LEU A 214 1.94 7.75 24.99
C LEU A 214 1.90 9.02 24.18
N ILE A 215 1.01 9.09 23.17
CA ILE A 215 0.88 10.27 22.30
C ILE A 215 0.33 11.46 23.10
N SER A 216 -0.72 11.27 23.93
CA SER A 216 -1.26 12.38 24.75
C SER A 216 -0.15 12.95 25.64
N LYS A 217 0.64 12.03 26.26
CA LYS A 217 1.77 12.31 27.12
C LYS A 217 2.87 13.11 26.40
N TYR A 218 3.32 12.64 25.24
CA TYR A 218 4.46 13.25 24.53
C TYR A 218 4.12 14.36 23.50
N SER A 219 2.84 14.81 23.42
CA SER A 219 2.47 15.84 22.44
C SER A 219 2.35 17.26 23.00
N GLN A 220 2.47 17.41 24.33
CA GLN A 220 2.29 18.66 25.09
C GLN A 220 2.65 19.95 24.32
N PHE A 221 3.90 20.05 23.82
CA PHE A 221 4.36 21.23 23.11
C PHE A 221 4.74 20.94 21.64
N ILE A 222 3.80 20.33 20.87
CA ILE A 222 3.96 20.02 19.44
C ILE A 222 2.95 20.88 18.65
N GLN A 223 3.46 21.82 17.85
CA GLN A 223 2.69 22.80 17.07
C GLN A 223 2.11 22.26 15.75
N PHE A 224 2.03 20.92 15.63
CA PHE A 224 1.54 20.24 14.43
C PHE A 224 0.57 19.13 14.81
N PRO A 225 -0.44 18.84 13.96
CA PRO A 225 -1.37 17.75 14.29
C PRO A 225 -0.73 16.36 14.27
N ILE A 226 -1.02 15.55 15.29
CA ILE A 226 -0.60 14.16 15.40
C ILE A 226 -1.84 13.31 15.24
N TYR A 227 -1.82 12.37 14.28
CA TYR A 227 -2.93 11.45 14.00
C TYR A 227 -2.56 10.01 14.34
N LEU A 228 -3.49 9.29 14.96
CA LEU A 228 -3.31 7.87 15.28
C LEU A 228 -4.33 7.05 14.48
N LEU A 229 -3.87 5.95 13.83
CA LEU A 229 -4.73 5.05 13.08
C LEU A 229 -5.13 3.92 14.02
N HIS A 230 -6.38 3.93 14.48
CA HIS A 230 -6.87 2.92 15.43
C HIS A 230 -8.17 2.26 14.97
N GLU A 231 -8.44 1.06 15.53
CA GLU A 231 -9.59 0.21 15.27
C GLU A 231 -10.93 0.83 15.70
N ASN A 232 -11.88 0.87 14.75
CA ASN A 232 -13.26 1.29 14.93
C ASN A 232 -14.15 0.09 14.58
N VAL A 233 -14.99 -0.34 15.54
CA VAL A 233 -15.90 -1.47 15.31
C VAL A 233 -17.32 -0.95 15.09
N TYR A 234 -17.97 -1.46 14.04
CA TYR A 234 -19.34 -1.13 13.60
C TYR A 234 -20.21 -2.39 13.80
N THR A 235 -21.26 -2.28 14.62
CA THR A 235 -22.13 -3.44 14.89
C THR A 235 -23.58 -3.17 14.41
N GLU A 236 -24.19 -4.16 13.77
CA GLU A 236 -25.60 -4.11 13.35
C GLU A 236 -26.19 -5.53 13.19
N GLU A 237 -27.53 -5.63 13.19
CA GLU A 237 -28.23 -6.87 12.92
C GLU A 237 -28.50 -6.88 11.45
N VAL A 238 -28.29 -8.04 10.83
CA VAL A 238 -28.44 -8.25 9.40
C VAL A 238 -29.14 -9.60 9.16
N LEU A 239 -29.91 -9.69 8.05
CA LEU A 239 -30.54 -10.94 7.66
C LEU A 239 -29.46 -11.90 7.25
N ALA A 240 -29.51 -13.14 7.79
CA ALA A 240 -28.55 -14.22 7.58
C ALA A 240 -28.03 -14.36 6.14
N ASP A 241 -28.91 -14.26 5.14
CA ASP A 241 -28.52 -14.38 3.73
C ASP A 241 -27.63 -13.20 3.27
N ILE A 242 -27.85 -12.01 3.84
CA ILE A 242 -27.07 -10.80 3.53
C ILE A 242 -25.80 -10.77 4.41
N ALA A 243 -25.87 -11.37 5.61
CA ALA A 243 -24.76 -11.48 6.55
C ALA A 243 -23.58 -12.19 5.92
N LYS A 244 -23.85 -13.20 5.06
CA LYS A 244 -22.84 -13.95 4.31
C LYS A 244 -22.20 -13.07 3.22
N ASP A 245 -22.99 -12.14 2.62
CA ASP A 245 -22.49 -11.21 1.60
C ASP A 245 -21.72 -10.00 2.21
N MET A 246 -21.89 -9.76 3.52
CA MET A 246 -21.24 -8.67 4.25
C MET A 246 -19.73 -8.90 4.37
N VAL A 247 -19.34 -10.18 4.50
CA VAL A 247 -17.95 -10.66 4.60
C VAL A 247 -17.10 -10.11 3.45
N ASN A 248 -17.68 -10.06 2.26
CA ASN A 248 -17.01 -9.59 1.06
C ASN A 248 -16.69 -8.11 1.02
N ASP A 249 -17.47 -7.24 1.70
CA ASP A 249 -17.23 -5.78 1.71
C ASP A 249 -15.74 -5.36 1.89
N PRO A 250 -15.11 -4.83 0.81
CA PRO A 250 -13.69 -4.42 0.88
C PRO A 250 -13.45 -3.09 1.59
N ASN A 251 -14.52 -2.40 2.03
CA ASN A 251 -14.42 -1.14 2.77
C ASN A 251 -14.03 -1.39 4.25
N TYR A 252 -14.04 -2.67 4.65
CA TYR A 252 -13.70 -3.08 6.00
C TYR A 252 -12.51 -4.01 5.98
N ASP A 253 -11.66 -3.90 7.02
CA ASP A 253 -10.48 -4.75 7.18
C ASP A 253 -10.89 -6.19 7.39
N SER A 254 -11.94 -6.39 8.20
CA SER A 254 -12.52 -7.70 8.48
C SER A 254 -13.96 -7.54 8.93
N VAL A 255 -14.76 -8.58 8.67
CA VAL A 255 -16.15 -8.66 9.01
C VAL A 255 -16.32 -9.97 9.78
N LYS A 256 -16.85 -9.89 11.00
CA LYS A 256 -17.13 -11.04 11.85
C LYS A 256 -18.66 -11.26 11.98
N VAL A 257 -19.20 -12.27 11.27
CA VAL A 257 -20.62 -12.64 11.37
C VAL A 257 -20.78 -13.64 12.53
N GLU A 258 -21.80 -13.49 13.38
CA GLU A 258 -22.00 -14.40 14.52
C GLU A 258 -22.31 -15.85 14.07
N GLU A 259 -21.65 -16.84 14.70
CA GLU A 259 -21.84 -18.25 14.38
C GLU A 259 -23.04 -18.78 15.17
N THR A 260 -24.03 -19.34 14.46
CA THR A 260 -25.23 -19.89 15.10
C THR A 260 -25.59 -21.23 14.51
N ASP A 261 -25.88 -22.22 15.38
CA ASP A 261 -26.25 -23.58 15.00
C ASP A 261 -27.75 -23.70 14.73
N ASP A 262 -28.57 -22.91 15.47
CA ASP A 262 -30.03 -22.87 15.36
C ASP A 262 -30.50 -22.32 14.00
N PRO A 263 -31.13 -23.16 13.15
CA PRO A 263 -31.65 -22.65 11.87
C PRO A 263 -32.92 -21.84 12.09
N ASN A 264 -33.28 -21.64 13.38
CA ASN A 264 -34.40 -20.86 13.84
C ASN A 264 -34.15 -19.39 13.48
N LYS A 265 -32.95 -18.86 13.89
CA LYS A 265 -32.47 -17.48 13.66
C LYS A 265 -32.41 -17.12 12.18
N LYS A 266 -33.08 -16.02 11.80
CA LYS A 266 -33.13 -15.49 10.44
C LYS A 266 -32.22 -14.24 10.29
N THR A 267 -31.72 -13.74 11.45
CA THR A 267 -30.82 -12.60 11.57
C THR A 267 -29.50 -12.98 12.29
N ARG A 268 -28.43 -12.22 12.00
CA ARG A 268 -27.08 -12.39 12.54
C ARG A 268 -26.51 -11.05 12.95
N THR A 269 -25.82 -10.98 14.12
CA THR A 269 -25.10 -9.79 14.56
C THR A 269 -23.80 -9.81 13.75
N VAL A 270 -23.49 -8.68 13.12
CA VAL A 270 -22.29 -8.55 12.31
C VAL A 270 -21.39 -7.44 12.88
N GLU A 271 -20.11 -7.76 13.12
CA GLU A 271 -19.12 -6.80 13.59
C GLU A 271 -18.15 -6.49 12.42
N LYS A 272 -18.20 -5.24 11.94
CA LYS A 272 -17.36 -4.74 10.85
C LYS A 272 -16.21 -3.93 11.48
N LYS A 273 -14.98 -4.47 11.42
CA LYS A 273 -13.77 -3.82 11.97
C LYS A 273 -13.04 -3.08 10.87
N VAL A 274 -12.65 -1.84 11.13
CA VAL A 274 -11.85 -0.99 10.23
C VAL A 274 -11.11 0.08 11.05
N LYS A 275 -9.96 0.51 10.53
CA LYS A 275 -9.09 1.50 11.14
C LYS A 275 -9.25 2.88 10.49
N LYS A 276 -9.50 3.92 11.31
CA LYS A 276 -9.61 5.29 10.82
C LYS A 276 -8.65 6.20 11.61
N TRP A 277 -8.33 7.38 11.06
CA TRP A 277 -7.40 8.34 11.66
C TRP A 277 -8.11 9.30 12.61
N THR A 278 -7.59 9.39 13.85
CA THR A 278 -8.11 10.29 14.86
C THR A 278 -7.03 11.28 15.29
N LEU A 279 -7.39 12.59 15.35
CA LEU A 279 -6.51 13.68 15.78
C LEU A 279 -6.32 13.57 17.28
N MET A 280 -5.08 13.45 17.71
CA MET A 280 -4.72 13.21 19.10
C MET A 280 -4.38 14.47 19.91
N ASN A 281 -4.30 15.64 19.25
CA ASN A 281 -3.96 16.92 19.89
C ASN A 281 -4.68 18.10 19.18
N THR B 20 16.10 -8.48 -13.04
CA THR B 20 15.40 -9.57 -13.72
C THR B 20 15.69 -9.59 -15.25
N GLU B 21 15.93 -10.82 -15.80
CA GLU B 21 16.25 -11.13 -17.20
C GLU B 21 15.10 -11.93 -17.85
N SER B 22 14.71 -11.57 -19.13
CA SER B 22 13.64 -12.22 -19.93
C SER B 22 13.74 -13.74 -19.92
N MET B 23 12.61 -14.46 -19.73
CA MET B 23 12.59 -15.92 -19.55
C MET B 23 11.82 -16.71 -20.61
N GLU B 24 11.30 -16.04 -21.66
CA GLU B 24 10.50 -16.64 -22.74
C GLU B 24 11.31 -17.52 -23.69
N SER B 25 10.66 -18.53 -24.25
CA SER B 25 11.20 -19.42 -25.26
C SER B 25 10.90 -18.75 -26.60
N HIS B 26 11.63 -19.13 -27.68
CA HIS B 26 11.37 -18.58 -29.00
C HIS B 26 9.95 -18.98 -29.48
N GLN B 27 9.47 -20.17 -29.03
CA GLN B 27 8.15 -20.71 -29.32
C GLN B 27 7.06 -19.85 -28.63
N TYR B 28 7.29 -19.47 -27.35
CA TYR B 28 6.40 -18.59 -26.61
C TYR B 28 6.36 -17.23 -27.32
N GLN B 29 7.53 -16.67 -27.63
CA GLN B 29 7.67 -15.37 -28.27
C GLN B 29 7.00 -15.33 -29.63
N THR B 30 6.97 -16.45 -30.35
CA THR B 30 6.35 -16.52 -31.67
C THR B 30 4.84 -16.62 -31.54
N GLU B 31 4.34 -17.62 -30.77
CA GLU B 31 2.93 -17.87 -30.51
C GLU B 31 2.21 -16.58 -30.00
N VAL B 32 2.72 -15.99 -28.91
CA VAL B 32 2.16 -14.78 -28.30
C VAL B 32 2.25 -13.55 -29.25
N THR B 33 3.31 -13.43 -30.07
CA THR B 33 3.41 -12.33 -31.05
C THR B 33 2.32 -12.45 -32.11
N ARG B 34 2.02 -13.71 -32.52
CA ARG B 34 0.98 -13.98 -33.49
C ARG B 34 -0.38 -13.70 -32.83
N LEU B 35 -0.61 -14.22 -31.60
CA LEU B 35 -1.86 -13.96 -30.86
C LEU B 35 -2.13 -12.47 -30.77
N MET B 36 -1.12 -11.69 -30.31
CA MET B 36 -1.22 -10.23 -30.17
C MET B 36 -1.56 -9.57 -31.49
N ASP B 37 -0.82 -9.88 -32.58
CA ASP B 37 -1.09 -9.33 -33.91
C ASP B 37 -2.58 -9.56 -34.33
N ILE B 38 -3.09 -10.80 -34.15
CA ILE B 38 -4.46 -11.15 -34.51
C ILE B 38 -5.44 -10.43 -33.59
N ILE B 39 -5.38 -10.68 -32.28
CA ILE B 39 -6.27 -10.07 -31.29
C ILE B 39 -6.30 -8.50 -31.43
N VAL B 40 -5.14 -7.84 -31.64
CA VAL B 40 -5.10 -6.38 -31.76
C VAL B 40 -5.78 -5.90 -33.04
N ASN B 41 -5.28 -6.32 -34.22
CA ASN B 41 -5.83 -5.93 -35.52
C ASN B 41 -7.28 -6.41 -35.76
N SER B 42 -7.86 -7.19 -34.83
CA SER B 42 -9.20 -7.72 -34.96
C SER B 42 -10.15 -7.21 -33.86
N LEU B 43 -9.64 -6.37 -32.93
CA LEU B 43 -10.49 -5.83 -31.86
C LEU B 43 -10.20 -4.35 -31.57
N TYR B 44 -9.27 -3.72 -32.34
CA TYR B 44 -8.84 -2.33 -32.17
C TYR B 44 -10.01 -1.28 -31.94
N THR B 45 -11.20 -1.49 -32.53
CA THR B 45 -12.36 -0.57 -32.36
C THR B 45 -13.34 -1.11 -31.33
N GLN B 46 -12.89 -2.04 -30.49
CA GLN B 46 -13.68 -2.66 -29.44
C GLN B 46 -12.73 -3.01 -28.27
N LYS B 47 -11.60 -2.27 -28.16
CA LYS B 47 -10.52 -2.41 -27.18
C LYS B 47 -10.96 -2.84 -25.77
N GLU B 48 -12.12 -2.33 -25.30
CA GLU B 48 -12.71 -2.55 -23.96
C GLU B 48 -13.02 -4.00 -23.61
N VAL B 49 -13.13 -4.88 -24.63
CA VAL B 49 -13.46 -6.30 -24.42
C VAL B 49 -12.40 -7.03 -23.56
N PHE B 50 -11.21 -6.41 -23.34
CA PHE B 50 -10.18 -6.96 -22.47
C PHE B 50 -10.75 -7.17 -21.05
N LEU B 51 -11.64 -6.27 -20.58
CA LEU B 51 -12.24 -6.34 -19.25
C LEU B 51 -13.16 -7.52 -19.16
N ARG B 52 -13.93 -7.79 -20.21
CA ARG B 52 -14.80 -8.96 -20.22
C ARG B 52 -13.93 -10.24 -20.02
N GLU B 53 -12.77 -10.31 -20.70
CA GLU B 53 -11.85 -11.45 -20.62
C GLU B 53 -11.18 -11.59 -19.24
N LEU B 54 -10.73 -10.48 -18.65
CA LEU B 54 -10.13 -10.51 -17.32
C LEU B 54 -11.16 -10.86 -16.22
N ILE B 55 -12.41 -10.35 -16.34
CA ILE B 55 -13.51 -10.64 -15.39
C ILE B 55 -13.84 -12.13 -15.49
N SER B 56 -13.80 -12.65 -16.72
CA SER B 56 -14.05 -14.06 -17.03
C SER B 56 -13.00 -14.98 -16.40
N ASN B 57 -11.71 -14.61 -16.51
CA ASN B 57 -10.59 -15.35 -15.93
C ASN B 57 -10.70 -15.41 -14.44
N ALA B 58 -11.03 -14.26 -13.82
CA ALA B 58 -11.22 -14.08 -12.39
C ALA B 58 -12.38 -14.93 -11.84
N ALA B 59 -13.55 -14.96 -12.54
CA ALA B 59 -14.70 -15.78 -12.10
C ALA B 59 -14.33 -17.27 -12.11
N ASP B 60 -13.58 -17.72 -13.17
CA ASP B 60 -13.11 -19.10 -13.34
C ASP B 60 -12.20 -19.52 -12.18
N ALA B 61 -11.27 -18.63 -11.79
CA ALA B 61 -10.35 -18.83 -10.66
C ALA B 61 -11.11 -18.85 -9.32
N LEU B 62 -12.17 -18.01 -9.17
CA LEU B 62 -12.99 -17.96 -7.96
C LEU B 62 -13.85 -19.20 -7.86
N GLU B 63 -14.32 -19.73 -9.01
CA GLU B 63 -15.12 -20.95 -9.04
C GLU B 63 -14.29 -22.15 -8.60
N LYS B 64 -12.98 -22.19 -8.99
CA LYS B 64 -12.05 -23.26 -8.63
C LYS B 64 -11.86 -23.36 -7.12
N ILE B 65 -11.55 -22.22 -6.45
CA ILE B 65 -11.37 -22.23 -5.01
C ILE B 65 -12.72 -22.44 -4.30
N ARG B 66 -13.85 -21.90 -4.84
CA ARG B 66 -15.19 -22.07 -4.26
C ARG B 66 -15.57 -23.54 -4.27
N PHE B 67 -15.29 -24.24 -5.40
CA PHE B 67 -15.57 -25.67 -5.53
C PHE B 67 -14.80 -26.51 -4.49
N LEU B 68 -13.52 -26.20 -4.27
CA LEU B 68 -12.70 -26.94 -3.30
C LEU B 68 -13.14 -26.65 -1.86
N SER B 69 -13.70 -25.45 -1.58
CA SER B 69 -14.17 -25.05 -0.25
C SER B 69 -15.40 -25.84 0.21
N LEU B 70 -16.10 -26.53 -0.73
CA LEU B 70 -17.28 -27.34 -0.44
C LEU B 70 -16.91 -28.66 0.27
N SER B 71 -15.74 -29.23 -0.08
CA SER B 71 -15.21 -30.47 0.52
C SER B 71 -14.33 -30.20 1.75
N ASP B 72 -13.50 -29.14 1.68
CA ASP B 72 -12.58 -28.71 2.74
C ASP B 72 -12.63 -27.18 2.83
N GLU B 73 -13.37 -26.67 3.83
CA GLU B 73 -13.54 -25.22 4.05
C GLU B 73 -12.24 -24.51 4.42
N SER B 74 -11.22 -25.27 4.92
CA SER B 74 -9.92 -24.72 5.32
C SER B 74 -9.12 -24.08 4.17
N VAL B 75 -9.50 -24.33 2.90
CA VAL B 75 -8.82 -23.75 1.72
C VAL B 75 -8.95 -22.20 1.71
N LEU B 76 -10.04 -21.66 2.29
CA LEU B 76 -10.33 -20.24 2.40
C LEU B 76 -9.66 -19.58 3.63
N GLY B 77 -8.77 -20.32 4.28
CA GLY B 77 -8.09 -19.89 5.50
C GLY B 77 -7.49 -18.51 5.42
N GLU B 78 -6.67 -18.28 4.39
CA GLU B 78 -5.95 -17.04 4.16
C GLU B 78 -6.85 -15.83 3.81
N GLU B 79 -8.06 -16.06 3.23
CA GLU B 79 -9.01 -15.01 2.81
C GLU B 79 -10.42 -15.59 2.59
N LYS B 80 -11.39 -15.19 3.45
CA LYS B 80 -12.78 -15.66 3.36
C LYS B 80 -13.55 -14.99 2.21
N LYS B 81 -13.10 -13.79 1.75
CA LYS B 81 -13.74 -13.07 0.63
C LYS B 81 -13.62 -13.86 -0.65
N LEU B 82 -14.69 -13.87 -1.46
CA LEU B 82 -14.77 -14.49 -2.77
C LEU B 82 -15.38 -13.44 -3.68
N GLU B 83 -14.53 -12.64 -4.37
CA GLU B 83 -14.96 -11.48 -5.18
C GLU B 83 -13.92 -10.99 -6.20
N ILE B 84 -14.35 -10.01 -7.02
CA ILE B 84 -13.50 -9.31 -7.98
C ILE B 84 -13.49 -7.82 -7.58
N ARG B 85 -12.31 -7.18 -7.66
CA ARG B 85 -12.08 -5.78 -7.31
C ARG B 85 -11.36 -5.07 -8.45
N ILE B 86 -12.00 -4.04 -9.01
CA ILE B 86 -11.46 -3.20 -10.09
C ILE B 86 -11.09 -1.83 -9.49
N SER B 87 -9.89 -1.34 -9.78
CA SER B 87 -9.43 -0.05 -9.28
C SER B 87 -8.41 0.54 -10.24
N ALA B 88 -8.45 1.87 -10.39
CA ALA B 88 -7.55 2.62 -11.24
C ALA B 88 -6.66 3.53 -10.39
N ASN B 89 -5.44 3.77 -10.87
CA ASN B 89 -4.48 4.65 -10.23
C ASN B 89 -4.14 5.66 -11.31
N LYS B 90 -4.82 6.80 -11.27
CA LYS B 90 -4.70 7.87 -12.27
C LYS B 90 -3.28 8.48 -12.36
N GLU B 91 -2.56 8.54 -11.23
CA GLU B 91 -1.21 9.12 -11.23
C GLU B 91 -0.20 8.21 -11.92
N LYS B 92 -0.21 6.91 -11.61
CA LYS B 92 0.70 5.93 -12.18
C LYS B 92 0.21 5.35 -13.53
N ASN B 93 -1.04 5.71 -13.98
CA ASN B 93 -1.71 5.26 -15.21
C ASN B 93 -1.83 3.71 -15.23
N ILE B 94 -2.33 3.14 -14.13
CA ILE B 94 -2.50 1.70 -13.97
C ILE B 94 -3.95 1.34 -13.64
N LEU B 95 -4.46 0.28 -14.28
CA LEU B 95 -5.78 -0.30 -14.00
C LEU B 95 -5.52 -1.70 -13.45
N SER B 96 -6.20 -2.07 -12.35
CA SER B 96 -6.04 -3.37 -11.73
C SER B 96 -7.34 -4.12 -11.57
N ILE B 97 -7.29 -5.41 -11.84
CA ILE B 97 -8.39 -6.36 -11.69
C ILE B 97 -7.81 -7.35 -10.70
N THR B 98 -8.41 -7.45 -9.52
CA THR B 98 -7.94 -8.32 -8.45
C THR B 98 -9.03 -9.31 -8.08
N ASP B 99 -8.64 -10.52 -7.75
CA ASP B 99 -9.60 -11.53 -7.35
C ASP B 99 -9.05 -12.31 -6.16
N THR B 100 -9.95 -12.95 -5.41
CA THR B 100 -9.58 -13.76 -4.27
C THR B 100 -9.79 -15.23 -4.65
N GLY B 101 -9.48 -15.55 -5.90
CA GLY B 101 -9.60 -16.89 -6.47
C GLY B 101 -8.46 -17.80 -6.06
N ILE B 102 -8.37 -18.96 -6.72
CA ILE B 102 -7.35 -19.98 -6.46
C ILE B 102 -5.87 -19.43 -6.50
N GLY B 103 -5.59 -18.52 -7.42
CA GLY B 103 -4.24 -18.00 -7.63
C GLY B 103 -3.33 -19.03 -8.29
N MET B 104 -2.08 -18.67 -8.54
CA MET B 104 -1.12 -19.57 -9.17
C MET B 104 0.17 -19.78 -8.38
N THR B 105 0.67 -21.03 -8.41
CA THR B 105 2.00 -21.37 -7.87
C THR B 105 2.91 -21.09 -9.07
N LYS B 106 4.24 -21.06 -8.86
CA LYS B 106 5.20 -20.89 -9.97
C LYS B 106 4.98 -22.03 -11.00
N VAL B 107 4.69 -23.27 -10.51
CA VAL B 107 4.43 -24.46 -11.31
C VAL B 107 3.21 -24.24 -12.20
N ASP B 108 2.08 -23.77 -11.63
CA ASP B 108 0.84 -23.48 -12.37
C ASP B 108 1.10 -22.40 -13.42
N LEU B 109 1.89 -21.37 -13.09
CA LEU B 109 2.22 -20.30 -14.01
C LEU B 109 3.06 -20.78 -15.20
N ILE B 110 4.15 -21.53 -14.95
CA ILE B 110 5.01 -22.02 -16.04
C ILE B 110 4.27 -23.09 -16.88
N ASN B 111 3.34 -23.85 -16.27
CA ASN B 111 2.54 -24.83 -17.02
C ASN B 111 1.64 -24.08 -17.96
N ASN B 112 0.94 -23.04 -17.44
CA ASN B 112 0.05 -22.16 -18.19
C ASN B 112 0.78 -21.50 -19.35
N LEU B 113 2.01 -21.03 -19.13
CA LEU B 113 2.82 -20.41 -20.18
C LEU B 113 3.24 -21.43 -21.25
N GLY B 114 3.60 -22.63 -20.80
CA GLY B 114 3.96 -23.75 -21.67
C GLY B 114 2.78 -24.20 -22.51
N THR B 115 1.57 -24.19 -21.90
CA THR B 115 0.32 -24.54 -22.58
C THR B 115 0.08 -23.55 -23.71
N ILE B 116 0.21 -22.25 -23.45
CA ILE B 116 0.04 -21.21 -24.44
C ILE B 116 1.03 -21.39 -25.61
N ALA B 117 2.33 -21.60 -25.30
CA ALA B 117 3.39 -21.80 -26.30
C ALA B 117 3.21 -23.10 -27.15
N LYS B 118 2.91 -24.25 -26.51
CA LYS B 118 2.77 -25.54 -27.20
C LYS B 118 1.50 -25.60 -28.09
N SER B 119 0.40 -24.96 -27.65
CA SER B 119 -0.84 -24.97 -28.43
C SER B 119 -0.69 -24.12 -29.70
N GLY B 120 -1.54 -24.40 -30.69
CA GLY B 120 -1.47 -23.61 -31.90
C GLY B 120 -2.67 -22.71 -32.04
N THR B 121 -3.07 -22.04 -30.92
CA THR B 121 -4.24 -21.16 -30.84
C THR B 121 -4.19 -20.08 -31.92
N SER B 122 -2.99 -19.56 -32.23
CA SER B 122 -2.80 -18.58 -33.30
C SER B 122 -3.26 -19.16 -34.66
N ASN B 123 -3.12 -20.49 -34.87
CA ASN B 123 -3.57 -21.14 -36.10
C ASN B 123 -5.10 -21.08 -36.18
N PHE B 124 -5.79 -21.36 -35.05
CA PHE B 124 -7.25 -21.26 -34.94
C PHE B 124 -7.73 -19.85 -35.17
N LEU B 125 -7.11 -18.85 -34.51
CA LEU B 125 -7.50 -17.43 -34.64
C LEU B 125 -7.18 -16.87 -36.02
N GLU B 126 -6.01 -17.24 -36.62
CA GLU B 126 -5.66 -16.82 -37.98
C GLU B 126 -6.76 -17.34 -38.93
N ALA B 127 -7.19 -18.61 -38.74
CA ALA B 127 -8.24 -19.23 -39.54
C ALA B 127 -9.58 -18.52 -39.36
N ILE B 128 -9.93 -18.17 -38.10
CA ILE B 128 -11.17 -17.46 -37.79
C ILE B 128 -11.14 -16.08 -38.49
N SER B 129 -10.02 -15.35 -38.39
CA SER B 129 -9.88 -14.02 -39.00
C SER B 129 -9.89 -14.08 -40.52
N LYS B 130 -9.17 -15.06 -41.13
CA LYS B 130 -9.16 -15.23 -42.59
C LYS B 130 -10.56 -15.51 -43.13
N SER B 131 -11.40 -16.22 -42.34
CA SER B 131 -12.78 -16.57 -42.68
C SER B 131 -13.81 -15.44 -42.42
N GLY B 132 -13.35 -14.34 -41.84
CA GLY B 132 -14.21 -13.22 -41.50
C GLY B 132 -15.02 -13.42 -40.22
N GLY B 133 -14.54 -14.28 -39.31
CA GLY B 133 -15.17 -14.58 -38.03
C GLY B 133 -14.74 -13.61 -36.93
N ASP B 134 -15.39 -13.71 -35.76
CA ASP B 134 -15.11 -12.82 -34.63
C ASP B 134 -14.13 -13.39 -33.58
N MET B 135 -13.69 -12.55 -32.62
CA MET B 135 -12.79 -13.00 -31.55
C MET B 135 -13.54 -13.53 -30.30
N SER B 136 -14.84 -13.81 -30.42
CA SER B 136 -15.68 -14.32 -29.32
C SER B 136 -15.21 -15.66 -28.71
N LEU B 137 -14.20 -16.33 -29.27
CA LEU B 137 -13.75 -17.61 -28.72
C LEU B 137 -12.45 -17.50 -27.96
N ILE B 138 -11.75 -16.33 -28.01
CA ILE B 138 -10.46 -16.12 -27.34
C ILE B 138 -10.50 -16.60 -25.88
N GLY B 139 -11.63 -16.38 -25.22
CA GLY B 139 -11.89 -16.84 -23.86
C GLY B 139 -11.97 -18.34 -23.75
N GLN B 140 -12.73 -18.99 -24.65
CA GLN B 140 -12.88 -20.45 -24.70
C GLN B 140 -11.55 -21.14 -25.08
N PHE B 141 -10.71 -20.46 -25.89
CA PHE B 141 -9.39 -20.96 -26.26
C PHE B 141 -8.33 -20.74 -25.16
N GLY B 142 -8.73 -20.11 -24.06
CA GLY B 142 -7.84 -19.84 -22.95
C GLY B 142 -6.74 -18.84 -23.21
N VAL B 143 -6.96 -17.91 -24.18
CA VAL B 143 -5.98 -16.87 -24.54
C VAL B 143 -6.55 -15.45 -24.37
N GLY B 144 -7.70 -15.32 -23.69
CA GLY B 144 -8.36 -14.04 -23.42
C GLY B 144 -7.50 -13.01 -22.69
N PHE B 145 -6.52 -13.48 -21.90
CA PHE B 145 -5.60 -12.65 -21.16
C PHE B 145 -4.80 -11.69 -22.07
N TYR B 146 -4.43 -12.14 -23.28
CA TYR B 146 -3.58 -11.33 -24.17
C TYR B 146 -4.27 -10.13 -24.79
N SER B 147 -5.61 -10.03 -24.61
CA SER B 147 -6.44 -8.91 -25.06
C SER B 147 -6.09 -7.64 -24.25
N ALA B 148 -5.48 -7.81 -23.06
CA ALA B 148 -5.01 -6.71 -22.21
C ALA B 148 -4.03 -5.81 -22.97
N PHE B 149 -3.25 -6.41 -23.91
CA PHE B 149 -2.27 -5.72 -24.76
C PHE B 149 -2.94 -4.81 -25.84
N LEU B 150 -4.28 -4.75 -25.87
CA LEU B 150 -5.05 -3.87 -26.76
C LEU B 150 -5.00 -2.46 -26.17
N VAL B 151 -4.88 -2.38 -24.82
CA VAL B 151 -4.90 -1.13 -24.06
C VAL B 151 -3.60 -0.86 -23.27
N ALA B 152 -2.77 -1.90 -23.04
CA ALA B 152 -1.53 -1.79 -22.28
C ALA B 152 -0.31 -2.31 -23.03
N ASP B 153 0.85 -1.69 -22.80
CA ASP B 153 2.13 -2.10 -23.38
C ASP B 153 2.96 -2.94 -22.38
N LYS B 154 2.49 -3.04 -21.12
CA LYS B 154 3.10 -3.79 -20.03
C LYS B 154 1.99 -4.26 -19.07
N VAL B 155 2.02 -5.54 -18.68
CA VAL B 155 1.03 -6.14 -17.79
C VAL B 155 1.81 -6.82 -16.68
N ILE B 156 1.52 -6.45 -15.42
CA ILE B 156 2.22 -7.05 -14.29
C ILE B 156 1.21 -7.85 -13.50
N VAL B 157 1.43 -9.16 -13.43
CA VAL B 157 0.54 -10.07 -12.73
C VAL B 157 1.17 -10.48 -11.38
N TYR B 158 0.42 -10.31 -10.27
CA TYR B 158 0.83 -10.70 -8.91
C TYR B 158 -0.11 -11.82 -8.56
N THR B 159 0.40 -12.98 -8.10
CA THR B 159 -0.44 -14.13 -7.79
C THR B 159 0.04 -14.90 -6.54
N LYS B 160 -0.93 -15.45 -5.80
CA LYS B 160 -0.68 -16.20 -4.57
C LYS B 160 -1.65 -17.35 -4.44
N ASN B 161 -1.11 -18.57 -4.34
CA ASN B 161 -1.87 -19.81 -4.21
C ASN B 161 -1.43 -20.40 -2.88
N ASN B 162 -2.35 -21.04 -2.14
CA ASN B 162 -2.08 -21.61 -0.79
C ASN B 162 -0.81 -22.48 -0.71
N ASP B 163 -0.49 -23.23 -1.79
CA ASP B 163 0.64 -24.14 -1.87
C ASP B 163 2.00 -23.49 -2.23
N ASP B 164 2.04 -22.17 -2.47
CA ASP B 164 3.30 -21.52 -2.81
C ASP B 164 3.32 -20.09 -2.30
N GLU B 165 4.45 -19.39 -2.54
CA GLU B 165 4.67 -17.99 -2.21
C GLU B 165 4.01 -17.11 -3.30
N GLN B 166 4.05 -15.79 -3.09
CA GLN B 166 3.53 -14.79 -4.01
C GLN B 166 4.56 -14.50 -5.10
N TYR B 167 4.15 -14.63 -6.37
CA TYR B 167 5.03 -14.41 -7.51
C TYR B 167 4.55 -13.26 -8.38
N ILE B 168 5.48 -12.66 -9.10
CA ILE B 168 5.23 -11.56 -10.03
C ILE B 168 5.59 -12.05 -11.47
N TRP B 169 4.67 -11.89 -12.43
CA TRP B 169 4.86 -12.24 -13.81
C TRP B 169 4.67 -10.95 -14.59
N GLU B 170 5.75 -10.46 -15.19
CA GLU B 170 5.82 -9.17 -15.86
C GLU B 170 5.99 -9.40 -17.34
N SER B 171 4.96 -9.08 -18.15
CA SER B 171 4.95 -9.29 -19.61
C SER B 171 4.87 -7.99 -20.38
N THR B 172 5.50 -7.96 -21.57
CA THR B 172 5.51 -6.78 -22.46
C THR B 172 4.93 -7.13 -23.84
N ALA B 173 4.57 -6.08 -24.61
CA ALA B 173 3.97 -6.19 -25.95
C ALA B 173 4.87 -6.91 -26.99
N ASP B 174 6.18 -7.01 -26.73
CA ASP B 174 7.15 -7.69 -27.60
C ASP B 174 7.21 -9.23 -27.34
N ALA B 175 6.26 -9.75 -26.54
CA ALA B 175 6.07 -11.14 -26.10
C ALA B 175 7.24 -11.67 -25.23
N LYS B 176 7.85 -10.76 -24.45
CA LYS B 176 8.92 -11.09 -23.50
C LYS B 176 8.33 -10.99 -22.09
N PHE B 177 8.71 -11.93 -21.21
CA PHE B 177 8.25 -11.96 -19.82
C PHE B 177 9.38 -12.33 -18.84
N THR B 178 9.15 -12.06 -17.54
CA THR B 178 10.03 -12.37 -16.43
C THR B 178 9.17 -12.78 -15.22
N ILE B 179 9.64 -13.77 -14.45
CA ILE B 179 8.96 -14.28 -13.25
C ILE B 179 9.93 -14.20 -12.06
N TYR B 180 9.48 -13.65 -10.93
CA TYR B 180 10.26 -13.57 -9.70
C TYR B 180 9.35 -13.52 -8.48
N LYS B 181 9.88 -13.89 -7.29
CA LYS B 181 9.14 -13.83 -6.03
C LYS B 181 8.85 -12.36 -5.71
N ASP B 182 7.68 -12.10 -5.10
CA ASP B 182 7.31 -10.74 -4.72
C ASP B 182 8.15 -10.32 -3.51
N PRO B 183 8.95 -9.21 -3.64
CA PRO B 183 9.73 -8.71 -2.50
C PRO B 183 8.89 -8.39 -1.25
N ARG B 184 7.63 -7.93 -1.45
CA ARG B 184 6.70 -7.53 -0.39
C ARG B 184 5.93 -8.71 0.27
N GLY B 185 6.24 -9.95 -0.12
CA GLY B 185 5.58 -11.14 0.40
C GLY B 185 4.16 -11.37 -0.11
N ALA B 186 3.33 -12.08 0.69
CA ALA B 186 1.95 -12.46 0.37
C ALA B 186 0.93 -11.35 0.65
N THR B 187 1.12 -10.17 0.02
CA THR B 187 0.21 -9.03 0.14
C THR B 187 -1.20 -9.35 -0.35
N LEU B 188 -1.37 -10.40 -1.19
CA LEU B 188 -2.67 -10.79 -1.71
C LEU B 188 -3.42 -11.81 -0.86
N LYS B 189 -2.73 -12.47 0.12
CA LYS B 189 -3.30 -13.52 1.00
C LYS B 189 -3.66 -14.78 0.18
N ARG B 190 -4.48 -14.62 -0.88
CA ARG B 190 -4.90 -15.64 -1.86
C ARG B 190 -5.59 -14.94 -3.02
N GLY B 191 -5.18 -15.28 -4.24
CA GLY B 191 -5.78 -14.71 -5.44
C GLY B 191 -4.78 -14.11 -6.39
N THR B 192 -5.27 -13.33 -7.37
CA THR B 192 -4.46 -12.75 -8.44
C THR B 192 -4.85 -11.29 -8.74
N ARG B 193 -3.85 -10.46 -9.04
CA ARG B 193 -4.01 -9.06 -9.40
C ARG B 193 -3.37 -8.85 -10.77
N ILE B 194 -4.14 -8.33 -11.73
CA ILE B 194 -3.65 -8.05 -13.07
C ILE B 194 -3.52 -6.55 -13.15
N SER B 195 -2.29 -6.06 -13.20
CA SER B 195 -2.06 -4.62 -13.27
C SER B 195 -1.65 -4.22 -14.67
N LEU B 196 -2.51 -3.46 -15.33
CA LEU B 196 -2.27 -2.99 -16.69
C LEU B 196 -1.69 -1.61 -16.65
N HIS B 197 -0.51 -1.45 -17.21
CA HIS B 197 0.22 -0.20 -17.36
C HIS B 197 -0.25 0.31 -18.72
N LEU B 198 -1.33 1.11 -18.69
CA LEU B 198 -2.01 1.60 -19.88
C LEU B 198 -1.18 2.44 -20.80
N LYS B 199 -1.54 2.38 -22.09
CA LYS B 199 -0.95 3.16 -23.17
C LYS B 199 -1.49 4.59 -23.02
N GLU B 200 -0.78 5.60 -23.57
CA GLU B 200 -1.20 7.01 -23.53
C GLU B 200 -2.61 7.20 -24.11
N ASP B 201 -2.95 6.37 -25.13
CA ASP B 201 -4.22 6.33 -25.86
C ASP B 201 -5.39 5.68 -25.11
N ALA B 202 -5.15 5.04 -23.93
CA ALA B 202 -6.20 4.33 -23.19
C ALA B 202 -6.51 4.90 -21.79
N THR B 203 -6.12 6.16 -21.51
CA THR B 203 -6.31 6.80 -20.19
C THR B 203 -7.80 7.04 -19.77
N ASN B 204 -8.80 6.95 -20.71
CA ASN B 204 -10.22 7.09 -20.35
C ASN B 204 -10.72 5.87 -19.51
N LEU B 205 -9.94 4.78 -19.54
CA LEU B 205 -10.22 3.58 -18.77
C LEU B 205 -9.95 3.77 -17.29
N LEU B 206 -9.41 4.93 -16.91
CA LEU B 206 -9.16 5.25 -15.51
C LEU B 206 -10.38 5.98 -14.90
N ASN B 207 -11.31 6.45 -15.77
CA ASN B 207 -12.52 7.17 -15.36
C ASN B 207 -13.64 6.27 -14.85
N ASP B 208 -14.25 6.70 -13.73
CA ASP B 208 -15.36 6.03 -13.05
C ASP B 208 -16.54 5.77 -14.00
N LYS B 209 -16.95 6.78 -14.81
CA LYS B 209 -18.07 6.67 -15.74
C LYS B 209 -17.86 5.54 -16.74
N LYS B 210 -16.65 5.47 -17.40
CA LYS B 210 -16.28 4.41 -18.34
C LYS B 210 -16.27 3.03 -17.66
N LEU B 211 -15.55 2.92 -16.53
CA LEU B 211 -15.47 1.64 -15.82
C LEU B 211 -16.83 1.12 -15.39
N MET B 212 -17.72 1.97 -14.85
CA MET B 212 -19.06 1.53 -14.44
C MET B 212 -19.85 0.99 -15.62
N ASP B 213 -19.78 1.70 -16.77
CA ASP B 213 -20.43 1.32 -18.02
C ASP B 213 -19.94 -0.09 -18.43
N LEU B 214 -18.59 -0.28 -18.57
CA LEU B 214 -17.99 -1.56 -18.97
C LEU B 214 -18.31 -2.70 -18.00
N ILE B 215 -18.22 -2.47 -16.70
CA ILE B 215 -18.52 -3.51 -15.72
C ILE B 215 -19.99 -4.01 -15.84
N SER B 216 -20.99 -3.10 -16.03
CA SER B 216 -22.42 -3.50 -16.16
C SER B 216 -22.61 -4.33 -17.46
N LYS B 217 -22.06 -3.80 -18.55
CA LYS B 217 -22.00 -4.36 -19.89
C LYS B 217 -21.36 -5.81 -19.90
N TYR B 218 -20.42 -6.11 -18.96
CA TYR B 218 -19.70 -7.40 -18.92
C TYR B 218 -19.88 -8.22 -17.64
N SER B 219 -20.91 -7.96 -16.83
CA SER B 219 -21.09 -8.71 -15.59
C SER B 219 -22.34 -9.61 -15.57
N GLN B 220 -22.98 -9.78 -16.75
CA GLN B 220 -24.24 -10.49 -16.88
C GLN B 220 -24.26 -11.89 -16.22
N PHE B 221 -23.37 -12.79 -16.66
CA PHE B 221 -23.37 -14.15 -16.15
C PHE B 221 -22.19 -14.42 -15.20
N ILE B 222 -21.97 -13.51 -14.22
CA ILE B 222 -20.91 -13.61 -13.19
C ILE B 222 -21.57 -13.88 -11.83
N GLN B 223 -21.26 -15.05 -11.24
CA GLN B 223 -21.81 -15.56 -9.97
C GLN B 223 -21.04 -15.09 -8.72
N PHE B 224 -20.24 -14.03 -8.84
CA PHE B 224 -19.43 -13.48 -7.76
C PHE B 224 -19.52 -11.96 -7.75
N PRO B 225 -19.43 -11.34 -6.56
CA PRO B 225 -19.52 -9.87 -6.51
C PRO B 225 -18.33 -9.16 -7.17
N ILE B 226 -18.60 -8.14 -7.96
CA ILE B 226 -17.61 -7.27 -8.60
C ILE B 226 -17.72 -5.92 -7.92
N TYR B 227 -16.59 -5.41 -7.39
CA TYR B 227 -16.51 -4.12 -6.70
C TYR B 227 -15.65 -3.14 -7.48
N LEU B 228 -16.11 -1.88 -7.58
CA LEU B 228 -15.36 -0.82 -8.22
C LEU B 228 -14.98 0.24 -7.17
N LEU B 229 -13.72 0.67 -7.18
CA LEU B 229 -13.22 1.71 -6.27
C LEU B 229 -13.33 3.03 -7.01
N HIS B 230 -14.31 3.86 -6.63
CA HIS B 230 -14.53 5.14 -7.29
C HIS B 230 -14.65 6.32 -6.30
N GLU B 231 -14.39 7.52 -6.83
CA GLU B 231 -14.40 8.79 -6.14
C GLU B 231 -15.78 9.20 -5.60
N ASN B 232 -15.83 9.53 -4.31
CA ASN B 232 -17.00 10.04 -3.59
C ASN B 232 -16.60 11.44 -3.09
N VAL B 233 -17.35 12.46 -3.50
CA VAL B 233 -17.05 13.83 -3.09
C VAL B 233 -18.02 14.26 -1.99
N TYR B 234 -17.48 14.82 -0.91
CA TYR B 234 -18.20 15.34 0.28
C TYR B 234 -18.04 16.88 0.29
N THR B 235 -19.13 17.62 0.17
CA THR B 235 -19.06 19.10 0.14
C THR B 235 -19.80 19.72 1.34
N GLU B 236 -19.18 20.70 2.00
CA GLU B 236 -19.78 21.44 3.11
C GLU B 236 -19.14 22.82 3.26
N GLU B 237 -19.81 23.72 3.99
CA GLU B 237 -19.26 25.03 4.34
C GLU B 237 -18.61 24.86 5.67
N VAL B 238 -17.43 25.45 5.81
CA VAL B 238 -16.61 25.35 7.02
C VAL B 238 -16.03 26.75 7.32
N LEU B 239 -15.81 27.04 8.62
CA LEU B 239 -15.15 28.27 9.04
C LEU B 239 -13.73 28.20 8.54
N ALA B 240 -13.29 29.24 7.82
CA ALA B 240 -11.97 29.37 7.21
C ALA B 240 -10.81 28.85 8.10
N ASP B 241 -10.80 29.19 9.41
CA ASP B 241 -9.74 28.74 10.34
C ASP B 241 -9.72 27.21 10.48
N ILE B 242 -10.89 26.55 10.37
CA ILE B 242 -11.04 25.09 10.46
C ILE B 242 -10.83 24.48 9.06
N ALA B 243 -11.19 25.21 7.99
CA ALA B 243 -11.02 24.79 6.60
C ALA B 243 -9.54 24.49 6.31
N LYS B 244 -8.62 25.28 6.91
CA LYS B 244 -7.17 25.12 6.81
C LYS B 244 -6.74 23.83 7.53
N ASP B 245 -7.41 23.46 8.63
CA ASP B 245 -7.11 22.23 9.39
C ASP B 245 -7.74 20.97 8.74
N MET B 246 -8.73 21.16 7.84
CA MET B 246 -9.44 20.08 7.13
C MET B 246 -8.50 19.39 6.13
N VAL B 247 -7.56 20.16 5.53
CA VAL B 247 -6.56 19.72 4.57
C VAL B 247 -5.75 18.54 5.13
N ASN B 248 -5.43 18.59 6.42
CA ASN B 248 -4.65 17.59 7.11
C ASN B 248 -5.34 16.26 7.29
N ASP B 249 -6.69 16.18 7.36
CA ASP B 249 -7.43 14.93 7.55
C ASP B 249 -6.95 13.75 6.64
N PRO B 250 -6.29 12.73 7.26
CA PRO B 250 -5.79 11.58 6.48
C PRO B 250 -6.89 10.57 6.09
N ASN B 251 -8.15 10.79 6.52
CA ASN B 251 -9.30 9.94 6.18
C ASN B 251 -9.80 10.23 4.75
N TYR B 252 -9.26 11.28 4.13
CA TYR B 252 -9.61 11.67 2.77
C TYR B 252 -8.38 11.62 1.91
N ASP B 253 -8.56 11.25 0.63
CA ASP B 253 -7.49 11.19 -0.37
C ASP B 253 -6.94 12.58 -0.62
N SER B 254 -7.85 13.56 -0.73
CA SER B 254 -7.49 14.96 -0.91
C SER B 254 -8.63 15.83 -0.44
N VAL B 255 -8.28 17.05 -0.01
CA VAL B 255 -9.21 18.05 0.47
C VAL B 255 -8.94 19.31 -0.34
N LYS B 256 -9.97 19.82 -1.04
CA LYS B 256 -9.88 21.03 -1.85
C LYS B 256 -10.68 22.17 -1.17
N VAL B 257 -9.96 23.13 -0.55
CA VAL B 257 -10.58 24.32 0.06
C VAL B 257 -10.71 25.39 -1.05
N GLU B 258 -11.87 26.09 -1.14
CA GLU B 258 -12.06 27.13 -2.17
C GLU B 258 -11.02 28.28 -2.03
N GLU B 259 -10.49 28.73 -3.18
CA GLU B 259 -9.53 29.83 -3.22
C GLU B 259 -10.32 31.14 -3.27
N THR B 260 -10.02 32.07 -2.35
CA THR B 260 -10.71 33.34 -2.30
C THR B 260 -9.72 34.51 -2.21
N ASP B 261 -10.02 35.60 -2.94
CA ASP B 261 -9.20 36.82 -2.94
C ASP B 261 -9.50 37.64 -1.67
N ASP B 262 -10.77 37.56 -1.19
CA ASP B 262 -11.23 38.28 -0.02
C ASP B 262 -10.66 37.71 1.27
N PRO B 263 -9.79 38.46 2.00
CA PRO B 263 -9.32 37.94 3.29
C PRO B 263 -10.39 38.19 4.37
N ASN B 264 -11.50 38.81 3.93
CA ASN B 264 -12.68 39.21 4.69
C ASN B 264 -13.51 38.00 5.15
N LYS B 265 -14.00 37.16 4.19
CA LYS B 265 -14.89 36.01 4.43
C LYS B 265 -14.37 35.03 5.47
N LYS B 266 -15.25 34.69 6.43
CA LYS B 266 -14.95 33.82 7.57
C LYS B 266 -15.22 32.34 7.27
N THR B 267 -15.82 32.02 6.09
CA THR B 267 -16.15 30.65 5.69
C THR B 267 -15.62 30.27 4.29
N ARG B 268 -15.37 28.96 4.07
CA ARG B 268 -14.95 28.42 2.78
C ARG B 268 -15.78 27.16 2.46
N THR B 269 -15.96 26.88 1.17
CA THR B 269 -16.57 25.65 0.69
C THR B 269 -15.40 24.67 0.62
N VAL B 270 -15.58 23.49 1.19
CA VAL B 270 -14.55 22.47 1.21
C VAL B 270 -15.05 21.21 0.50
N GLU B 271 -14.27 20.69 -0.46
CA GLU B 271 -14.56 19.45 -1.17
C GLU B 271 -13.57 18.37 -0.67
N LYS B 272 -14.11 17.36 0.03
CA LYS B 272 -13.34 16.25 0.57
C LYS B 272 -13.54 15.06 -0.37
N LYS B 273 -12.45 14.62 -1.02
CA LYS B 273 -12.52 13.50 -1.94
C LYS B 273 -12.03 12.23 -1.27
N VAL B 274 -12.81 11.16 -1.36
CA VAL B 274 -12.50 9.84 -0.82
C VAL B 274 -12.97 8.79 -1.82
N LYS B 275 -12.17 7.75 -2.04
CA LYS B 275 -12.49 6.63 -2.94
C LYS B 275 -12.98 5.46 -2.08
N LYS B 276 -14.22 4.99 -2.32
CA LYS B 276 -14.80 3.86 -1.58
C LYS B 276 -15.26 2.76 -2.58
N TRP B 277 -15.43 1.52 -2.07
CA TRP B 277 -15.82 0.38 -2.89
C TRP B 277 -17.34 0.25 -3.02
N THR B 278 -17.82 0.17 -4.26
CA THR B 278 -19.24 -0.01 -4.56
C THR B 278 -19.46 -1.33 -5.32
N LEU B 279 -20.46 -2.12 -4.89
CA LEU B 279 -20.87 -3.38 -5.51
C LEU B 279 -21.57 -3.06 -6.82
N MET B 280 -21.05 -3.60 -7.91
CA MET B 280 -21.53 -3.30 -9.26
C MET B 280 -22.55 -4.30 -9.82
N ASN B 281 -22.80 -5.41 -9.11
CA ASN B 281 -23.72 -6.47 -9.54
C ASN B 281 -24.41 -7.14 -8.33
N1 IBD C . 13.84 12.58 11.21
C2 IBD C . 12.74 13.02 10.55
N3 IBD C . 12.84 13.88 9.54
C4 IBD C . 14.04 14.37 9.19
C5 IBD C . 15.21 13.98 9.88
C6 IBD C . 15.08 13.05 10.92
CAA IBD C . 16.75 18.52 4.72
CAB IBD C . 22.68 13.72 13.14
CAC IBD C . 21.14 17.96 13.06
NAD IBD C . 11.53 12.54 10.82
OAE IBD C . 18.27 16.44 8.20
CLAF IBD C . 19.84 10.72 13.67
CLAG IBD C . 15.52 10.06 10.59
CAH IBD C . 17.60 10.61 12.16
CAI IBD C . 17.08 13.35 12.34
CAJ IBD C . 16.31 14.62 9.41
CAK IBD C . 17.46 18.11 6.00
CAL IBD C . 22.44 15.23 13.29
CAM IBD C . 20.81 16.71 12.24
CAN IBD C . 18.88 14.88 14.02
CAO IBD C . 20.27 15.47 14.32
NAR IBD C . 16.66 17.11 6.73
OAS IBD C . 19.10 13.50 13.74
SAT IBD C . 14.45 15.49 8.01
CAU IBD C . 17.13 16.37 7.74
CAW IBD C . 18.47 11.42 12.87
CAX IBD C . 16.49 11.16 11.51
CAY IBD C . 18.21 12.79 12.97
CAZ IBD C . 16.10 15.44 8.37
CBA IBD C . 16.20 12.52 11.60
NBE IBD C . 21.03 15.49 13.06
S SO4 D . 1.61 6.13 6.66
O1 SO4 D . 2.66 6.65 5.73
O2 SO4 D . 1.48 6.99 7.85
O3 SO4 D . 0.32 6.08 5.97
O4 SO4 D . 1.99 4.76 7.07
N1 IBD E . -6.16 -15.42 -14.06
C2 IBD E . -6.66 -15.26 -12.80
N3 IBD E . -6.51 -16.22 -11.88
C4 IBD E . -5.91 -17.38 -12.19
C5 IBD E . -5.43 -17.62 -13.50
C6 IBD E . -5.57 -16.57 -14.44
CAA IBD E . -4.21 -23.20 -9.37
CAB IBD E . -3.03 -21.13 -20.41
CAC IBD E . -6.33 -23.51 -18.48
NAD IBD E . -7.20 -14.11 -12.43
OAE IBD E . -4.20 -21.70 -13.43
CLAF IBD E . -3.16 -16.98 -19.86
CLAG IBD E . -3.38 -14.57 -15.09
CAH IBD E . -3.45 -15.88 -17.41
CAI IBD E . -5.45 -17.67 -16.64
CAJ IBD E . -4.92 -18.86 -13.63
CAK IBD E . -4.33 -23.02 -10.89
CAL IBD E . -4.12 -22.13 -20.05
CAM IBD E . -5.29 -22.52 -17.94
CAN IBD E . -6.34 -19.58 -18.61
CAO IBD E . -6.08 -20.80 -19.51
NAR IBD E . -4.63 -21.60 -11.20
OAS IBD E . -5.25 -18.68 -18.86
SAT IBD E . -5.62 -18.77 -11.28
CAU IBD E . -4.52 -21.08 -12.43
CAW IBD E . -3.86 -16.89 -18.29
CAX IBD E . -4.00 -15.81 -16.13
CAY IBD E . -4.88 -17.76 -17.92
CAZ IBD E . -4.92 -19.61 -12.53
CBA IBD E . -5.03 -16.69 -15.73
NBE IBD E . -4.92 -21.53 -18.98
S SO4 F . -6.66 -4.27 -4.79
O1 SO4 F . -6.57 -2.77 -4.71
O2 SO4 F . -6.18 -4.88 -3.55
O3 SO4 F . -8.05 -4.63 -5.01
O4 SO4 F . -5.82 -4.77 -5.87
#